data_4JEM
#
_entry.id   4JEM
#
_cell.length_a   45.157
_cell.length_b   100.386
_cell.length_c   71.348
_cell.angle_alpha   90.000
_cell.angle_beta   99.630
_cell.angle_gamma   90.000
#
_symmetry.space_group_name_H-M   'C 1 2 1'
#
loop_
_entity.id
_entity.type
_entity.pdbx_description
1 polymer 'CMP/hydroxymethyl CMP hydrolase'
2 non-polymer "CYTIDINE-5'-MONOPHOSPHATE"
3 water water
#
_entity_poly.entity_id   1
_entity_poly.type   'polypeptide(L)'
_entity_poly.pdbx_seq_one_letter_code
;GHMTTTPKPRTAPAVGSVFLGGPFRQLVDPRTGVMSSGDQNVFSRLIEHFESRGTTVYNAHRREAWGAEFLSPAEATRLD
HDEIKAADVFVAFPGVPASPGTHVEIGWASGMGKPMVLLLERDEDYAFLVTGLESQANVEILRFSGTEEIVERLDGAVAR
VLGRAGEPTV
;
_entity_poly.pdbx_strand_id   A,B
#
loop_
_chem_comp.id
_chem_comp.type
_chem_comp.name
_chem_comp.formula
C5P non-polymer CYTIDINE-5'-MONOPHOSPHATE 'C9 H14 N3 O8 P'
#
# COMPACT_ATOMS: atom_id res chain seq x y z
N ALA A 14 -4.34 9.71 -26.96
CA ALA A 14 -2.90 9.47 -27.00
C ALA A 14 -2.43 8.56 -25.86
N VAL A 15 -3.38 7.93 -25.18
CA VAL A 15 -3.05 7.00 -24.10
C VAL A 15 -3.43 5.60 -24.47
N GLY A 16 -2.46 4.69 -24.52
CA GLY A 16 -2.75 3.35 -24.97
C GLY A 16 -3.57 2.56 -23.97
N SER A 17 -3.18 2.61 -22.69
CA SER A 17 -3.86 1.84 -21.67
C SER A 17 -3.73 2.52 -20.32
N VAL A 18 -4.74 2.29 -19.49
CA VAL A 18 -4.78 2.81 -18.11
C VAL A 18 -5.18 1.69 -17.17
N PHE A 19 -4.57 1.65 -15.99
CA PHE A 19 -5.10 0.82 -14.90
C PHE A 19 -5.83 1.74 -13.94
N LEU A 20 -7.09 1.40 -13.63
CA LEU A 20 -7.90 2.18 -12.71
C LEU A 20 -8.12 1.38 -11.42
N GLY A 21 -7.63 1.93 -10.31
CA GLY A 21 -7.76 1.33 -8.99
C GLY A 21 -8.62 2.15 -8.03
N GLY A 22 -9.07 1.51 -6.94
CA GLY A 22 -9.79 2.24 -5.91
C GLY A 22 -10.46 1.24 -4.97
N PRO A 23 -11.09 1.75 -3.91
CA PRO A 23 -11.73 0.88 -2.91
C PRO A 23 -12.62 -0.16 -3.55
N PHE A 24 -12.58 -1.38 -3.02
CA PHE A 24 -13.40 -2.45 -3.55
C PHE A 24 -14.14 -3.10 -2.36
N ARG A 25 -13.40 -3.76 -1.48
CA ARG A 25 -14.05 -4.47 -0.37
C ARG A 25 -15.01 -3.60 0.45
N GLN A 26 -14.58 -2.40 0.80
CA GLN A 26 -15.42 -1.50 1.61
C GLN A 26 -16.70 -1.06 0.87
N LEU A 27 -16.75 -1.26 -0.44
CA LEU A 27 -17.90 -0.83 -1.23
C LEU A 27 -18.86 -1.97 -1.55
N VAL A 28 -18.48 -3.20 -1.22
CA VAL A 28 -19.33 -4.36 -1.45
C VAL A 28 -20.40 -4.49 -0.37
N ASP A 29 -21.67 -4.51 -0.79
CA ASP A 29 -22.77 -4.69 0.16
C ASP A 29 -22.87 -6.17 0.53
N PRO A 30 -22.70 -6.50 1.81
CA PRO A 30 -22.74 -7.94 2.14
C PRO A 30 -24.12 -8.57 1.92
N ARG A 31 -25.15 -7.76 1.91
CA ARG A 31 -26.50 -8.26 1.63
C ARG A 31 -26.67 -8.72 0.18
N THR A 32 -25.96 -8.07 -0.73
CA THR A 32 -26.15 -8.33 -2.16
C THR A 32 -24.91 -8.99 -2.78
N GLY A 33 -23.76 -8.82 -2.13
CA GLY A 33 -22.51 -9.37 -2.63
C GLY A 33 -21.87 -8.54 -3.73
N VAL A 34 -22.44 -7.36 -3.98
CA VAL A 34 -21.95 -6.52 -5.07
C VAL A 34 -21.90 -5.05 -4.63
N MET A 35 -21.07 -4.26 -5.30
CA MET A 35 -21.12 -2.81 -5.17
C MET A 35 -22.46 -2.23 -5.59
N SER A 36 -22.88 -1.14 -4.96
CA SER A 36 -24.12 -0.45 -5.37
C SER A 36 -24.03 0.12 -6.79
N SER A 37 -25.18 0.45 -7.34
CA SER A 37 -25.30 1.12 -8.64
C SER A 37 -24.45 2.38 -8.64
N GLY A 38 -24.56 3.15 -7.56
CA GLY A 38 -23.85 4.40 -7.40
C GLY A 38 -22.34 4.26 -7.41
N ASP A 39 -21.81 3.31 -6.65
CA ASP A 39 -20.35 3.13 -6.63
C ASP A 39 -19.84 2.60 -7.97
N GLN A 40 -20.61 1.68 -8.57
CA GLN A 40 -20.32 1.22 -9.92
C GLN A 40 -20.31 2.39 -10.89
N ASN A 41 -21.23 3.34 -10.75
CA ASN A 41 -21.30 4.44 -11.71
C ASN A 41 -20.06 5.33 -11.75
N VAL A 42 -19.49 5.63 -10.58
CA VAL A 42 -18.27 6.46 -10.53
C VAL A 42 -17.12 5.79 -11.30
N PHE A 43 -16.90 4.51 -11.03
CA PHE A 43 -15.86 3.79 -11.76
C PHE A 43 -16.19 3.72 -13.25
N SER A 44 -17.46 3.44 -13.57
CA SER A 44 -17.87 3.33 -14.97
C SER A 44 -17.68 4.64 -15.74
N ARG A 45 -17.92 5.79 -15.10
CA ARG A 45 -17.67 7.05 -15.78
C ARG A 45 -16.20 7.20 -16.19
N LEU A 46 -15.29 6.84 -15.30
CA LEU A 46 -13.87 6.93 -15.63
C LEU A 46 -13.46 5.90 -16.67
N ILE A 47 -13.99 4.68 -16.55
CA ILE A 47 -13.72 3.65 -17.55
C ILE A 47 -14.16 4.12 -18.94
N GLU A 48 -15.39 4.61 -19.04
CA GLU A 48 -15.91 5.07 -20.36
C GLU A 48 -15.19 6.32 -20.88
N HIS A 49 -14.74 7.17 -19.97
CA HIS A 49 -14.00 8.35 -20.36
C HIS A 49 -12.80 7.99 -21.23
N PHE A 50 -12.03 7.01 -20.77
CA PHE A 50 -10.90 6.49 -21.53
C PHE A 50 -11.27 5.62 -22.71
N GLU A 51 -12.19 4.66 -22.51
CA GLU A 51 -12.53 3.72 -23.57
C GLU A 51 -13.10 4.41 -24.80
N SER A 52 -13.79 5.54 -24.61
CA SER A 52 -14.37 6.28 -25.74
C SER A 52 -13.31 6.85 -26.69
N ARG A 53 -12.05 6.85 -26.26
CA ARG A 53 -10.97 7.37 -27.10
C ARG A 53 -10.19 6.18 -27.66
N GLY A 54 -10.66 4.97 -27.33
CA GLY A 54 -10.06 3.74 -27.82
C GLY A 54 -8.97 3.22 -26.88
N THR A 55 -8.83 3.88 -25.73
CA THR A 55 -7.85 3.47 -24.74
C THR A 55 -8.31 2.21 -24.04
N THR A 56 -7.37 1.28 -23.83
CA THR A 56 -7.70 0.06 -23.09
C THR A 56 -7.70 0.36 -21.61
N VAL A 57 -8.73 -0.08 -20.90
CA VAL A 57 -8.81 0.18 -19.47
C VAL A 57 -8.81 -1.14 -18.72
N TYR A 58 -7.84 -1.28 -17.83
CA TYR A 58 -7.79 -2.39 -16.89
C TYR A 58 -8.43 -1.96 -15.58
N ASN A 59 -9.37 -2.75 -15.08
CA ASN A 59 -10.05 -2.41 -13.86
C ASN A 59 -10.62 -3.63 -13.20
N ALA A 60 -10.18 -3.90 -11.98
CA ALA A 60 -10.58 -5.15 -11.30
C ALA A 60 -12.06 -5.17 -11.00
N HIS A 61 -12.62 -4.01 -10.63
CA HIS A 61 -14.02 -3.95 -10.21
C HIS A 61 -14.93 -4.46 -11.30
N ARG A 62 -14.78 -3.94 -12.52
CA ARG A 62 -15.54 -4.44 -13.67
C ARG A 62 -15.22 -5.92 -14.01
N ARG A 63 -13.93 -6.26 -14.01
CA ARG A 63 -13.43 -7.61 -14.30
C ARG A 63 -14.13 -8.66 -13.42
N GLU A 64 -14.33 -8.31 -12.15
CA GLU A 64 -14.86 -9.21 -11.13
C GLU A 64 -16.35 -8.99 -10.92
N ALA A 65 -17.00 -8.41 -11.93
CA ALA A 65 -18.44 -8.17 -11.92
C ALA A 65 -18.88 -7.46 -10.65
N TRP A 66 -18.10 -6.48 -10.25
CA TRP A 66 -18.46 -5.60 -9.13
C TRP A 66 -18.58 -6.32 -7.81
N GLY A 67 -17.95 -7.48 -7.72
CA GLY A 67 -17.90 -8.24 -6.49
C GLY A 67 -18.56 -9.60 -6.61
N ALA A 68 -19.34 -9.78 -7.66
CA ALA A 68 -20.09 -11.03 -7.87
C ALA A 68 -19.24 -12.23 -8.33
N GLU A 69 -18.13 -11.96 -8.99
CA GLU A 69 -17.27 -13.00 -9.55
C GLU A 69 -15.82 -12.72 -9.15
N PHE A 70 -15.60 -12.69 -7.84
CA PHE A 70 -14.27 -12.48 -7.27
C PHE A 70 -13.27 -13.56 -7.70
N LEU A 71 -12.04 -13.12 -7.95
CA LEU A 71 -10.90 -14.01 -8.07
C LEU A 71 -10.42 -14.45 -6.69
N SER A 72 -9.62 -15.50 -6.64
CA SER A 72 -8.88 -15.86 -5.43
C SER A 72 -7.88 -14.75 -5.09
N PRO A 73 -7.49 -14.61 -3.81
CA PRO A 73 -6.49 -13.58 -3.49
C PRO A 73 -5.22 -13.68 -4.33
N ALA A 74 -4.72 -14.89 -4.54
CA ALA A 74 -3.52 -15.09 -5.34
C ALA A 74 -3.73 -14.63 -6.78
N GLU A 75 -4.84 -15.02 -7.39
CA GLU A 75 -5.14 -14.60 -8.76
C GLU A 75 -5.36 -13.10 -8.88
N ALA A 76 -6.09 -12.53 -7.92
CA ALA A 76 -6.37 -11.09 -7.96
C ALA A 76 -5.06 -10.32 -7.89
N THR A 77 -4.18 -10.75 -7.00
CA THR A 77 -2.90 -10.07 -6.76
C THR A 77 -2.01 -10.14 -8.01
N ARG A 78 -1.87 -11.34 -8.59
CA ARG A 78 -1.04 -11.50 -9.77
C ARG A 78 -1.55 -10.68 -10.96
N LEU A 79 -2.84 -10.79 -11.23
CA LEU A 79 -3.45 -10.11 -12.37
C LEU A 79 -3.34 -8.60 -12.21
N ASP A 80 -3.60 -8.09 -11.01
CA ASP A 80 -3.50 -6.65 -10.80
C ASP A 80 -2.08 -6.15 -11.00
N HIS A 81 -1.09 -6.86 -10.47
CA HIS A 81 0.29 -6.44 -10.67
C HIS A 81 0.65 -6.48 -12.16
N ASP A 82 0.19 -7.52 -12.86
CA ASP A 82 0.49 -7.66 -14.28
C ASP A 82 -0.15 -6.53 -15.07
N GLU A 83 -1.38 -6.17 -14.71
CA GLU A 83 -2.08 -5.12 -15.44
C GLU A 83 -1.49 -3.75 -15.16
N ILE A 84 -1.07 -3.52 -13.92
CA ILE A 84 -0.40 -2.26 -13.61
C ILE A 84 0.90 -2.15 -14.42
N LYS A 85 1.67 -3.24 -14.47
CA LYS A 85 2.91 -3.25 -15.23
C LYS A 85 2.69 -2.98 -16.72
N ALA A 86 1.60 -3.54 -17.26
CA ALA A 86 1.28 -3.38 -18.69
C ALA A 86 0.78 -2.00 -19.08
N ALA A 87 0.10 -1.35 -18.14
CA ALA A 87 -0.59 -0.10 -18.44
C ALA A 87 0.34 1.11 -18.56
N ASP A 88 -0.04 2.05 -19.41
CA ASP A 88 0.81 3.25 -19.59
C ASP A 88 0.74 4.17 -18.39
N VAL A 89 -0.42 4.20 -17.74
CA VAL A 89 -0.65 5.09 -16.60
C VAL A 89 -1.51 4.42 -15.56
N PHE A 90 -1.28 4.73 -14.29
CA PHE A 90 -2.04 4.21 -13.16
C PHE A 90 -2.87 5.36 -12.60
N VAL A 91 -4.18 5.17 -12.52
CA VAL A 91 -5.09 6.18 -11.97
C VAL A 91 -5.83 5.53 -10.80
N ALA A 92 -5.85 6.14 -9.61
CA ALA A 92 -6.51 5.45 -8.50
C ALA A 92 -7.05 6.40 -7.44
N PHE A 93 -8.15 5.99 -6.83
CA PHE A 93 -8.65 6.60 -5.59
C PHE A 93 -8.03 5.88 -4.38
N PRO A 94 -7.23 6.57 -3.55
CA PRO A 94 -6.74 5.83 -2.37
C PRO A 94 -7.86 5.46 -1.39
N GLY A 95 -8.94 6.23 -1.40
CA GLY A 95 -10.11 5.93 -0.58
C GLY A 95 -10.15 6.67 0.75
N VAL A 96 -11.37 6.99 1.20
CA VAL A 96 -11.63 7.51 2.55
C VAL A 96 -12.83 6.74 3.10
N PRO A 97 -12.61 5.79 4.03
CA PRO A 97 -11.34 5.34 4.59
C PRO A 97 -10.45 4.64 3.55
N ALA A 98 -9.18 4.55 3.90
CA ALA A 98 -8.17 3.96 3.03
C ALA A 98 -8.55 2.59 2.51
N SER A 99 -8.38 2.37 1.21
CA SER A 99 -8.48 1.04 0.60
C SER A 99 -7.16 0.34 0.76
N PRO A 100 -7.13 -0.77 1.49
CA PRO A 100 -5.86 -1.47 1.68
C PRO A 100 -5.22 -1.93 0.36
N GLY A 101 -5.98 -2.58 -0.51
CA GLY A 101 -5.45 -3.04 -1.78
C GLY A 101 -4.97 -1.89 -2.65
N THR A 102 -5.70 -0.78 -2.67
CA THR A 102 -5.26 0.34 -3.52
C THR A 102 -3.95 0.91 -3.00
N HIS A 103 -3.79 0.90 -1.68
CA HIS A 103 -2.54 1.39 -1.11
C HIS A 103 -1.36 0.46 -1.49
N VAL A 104 -1.58 -0.85 -1.47
CA VAL A 104 -0.57 -1.78 -1.99
C VAL A 104 -0.24 -1.45 -3.45
N GLU A 105 -1.28 -1.24 -4.25
CA GLU A 105 -1.10 -0.88 -5.66
C GLU A 105 -0.34 0.44 -5.88
N ILE A 106 -0.60 1.41 -5.02
CA ILE A 106 0.13 2.67 -5.05
C ILE A 106 1.62 2.42 -4.80
N GLY A 107 1.93 1.51 -3.86
CA GLY A 107 3.32 1.11 -3.65
C GLY A 107 3.93 0.41 -4.86
N TRP A 108 3.20 -0.52 -5.46
CA TRP A 108 3.70 -1.15 -6.69
C TRP A 108 3.98 -0.13 -7.78
N ALA A 109 2.99 0.71 -8.07
CA ALA A 109 3.13 1.67 -9.16
C ALA A 109 4.25 2.68 -8.93
N SER A 110 4.31 3.28 -7.75
CA SER A 110 5.36 4.27 -7.47
C SER A 110 6.71 3.59 -7.49
N GLY A 111 6.79 2.37 -6.96
CA GLY A 111 8.07 1.68 -6.91
C GLY A 111 8.59 1.29 -8.27
N MET A 112 7.73 1.09 -9.26
CA MET A 112 8.18 0.73 -10.61
C MET A 112 8.23 1.90 -11.59
N GLY A 113 8.08 3.12 -11.06
CA GLY A 113 8.19 4.33 -11.87
C GLY A 113 7.03 4.59 -12.81
N LYS A 114 5.87 4.03 -12.50
CA LYS A 114 4.72 4.18 -13.35
C LYS A 114 4.18 5.60 -13.22
N PRO A 115 3.84 6.24 -14.33
CA PRO A 115 3.14 7.52 -14.20
C PRO A 115 1.80 7.34 -13.48
N MET A 116 1.52 8.19 -12.51
CA MET A 116 0.36 7.99 -11.64
C MET A 116 -0.46 9.23 -11.45
N VAL A 117 -1.78 9.10 -11.49
CA VAL A 117 -2.68 10.16 -11.07
C VAL A 117 -3.49 9.64 -9.88
N LEU A 118 -3.35 10.31 -8.74
CA LEU A 118 -4.11 9.90 -7.54
C LEU A 118 -5.28 10.84 -7.33
N LEU A 119 -6.46 10.25 -7.17
CA LEU A 119 -7.72 10.99 -7.05
C LEU A 119 -8.07 11.09 -5.57
N LEU A 120 -7.86 12.28 -5.00
CA LEU A 120 -8.02 12.49 -3.55
C LEU A 120 -9.21 13.40 -3.30
N GLU A 121 -10.12 12.99 -2.43
CA GLU A 121 -11.24 13.84 -2.05
C GLU A 121 -10.73 15.17 -1.45
N ARG A 122 -11.29 16.28 -1.92
CA ARG A 122 -10.89 17.58 -1.41
C ARG A 122 -11.21 17.70 0.10
N ASP A 123 -10.26 18.27 0.85
CA ASP A 123 -10.49 18.45 2.31
C ASP A 123 -10.65 17.18 3.13
N GLU A 124 -10.24 16.02 2.62
CA GLU A 124 -10.12 14.82 3.44
C GLU A 124 -8.64 14.54 3.66
N ASP A 125 -8.34 13.85 4.74
CA ASP A 125 -6.96 13.57 5.10
C ASP A 125 -6.52 12.26 4.48
N TYR A 126 -5.38 12.29 3.83
CA TYR A 126 -4.78 11.09 3.28
C TYR A 126 -3.44 10.82 3.96
N ALA A 127 -2.95 9.61 3.77
CA ALA A 127 -1.71 9.14 4.41
C ALA A 127 -0.51 9.97 4.05
N PHE A 128 0.41 10.14 5.00
CA PHE A 128 1.71 10.77 4.76
C PHE A 128 2.43 10.10 3.59
N LEU A 129 2.37 8.77 3.52
CA LEU A 129 3.04 8.02 2.47
C LEU A 129 2.28 8.00 1.15
N VAL A 130 1.10 8.64 1.09
CA VAL A 130 0.44 8.90 -0.19
C VAL A 130 0.73 10.34 -0.65
N THR A 131 0.48 11.31 0.21
CA THR A 131 0.71 12.71 -0.18
C THR A 131 2.20 13.04 -0.35
N GLY A 132 3.05 12.34 0.40
CA GLY A 132 4.49 12.51 0.32
C GLY A 132 5.07 12.04 -0.99
N LEU A 133 4.28 11.33 -1.81
CA LEU A 133 4.75 10.93 -3.13
C LEU A 133 4.84 12.10 -4.09
N GLU A 134 4.07 13.14 -3.83
CA GLU A 134 4.13 14.32 -4.72
C GLU A 134 5.57 14.85 -4.80
N SER A 135 6.02 15.18 -6.01
CA SER A 135 7.39 15.67 -6.20
C SER A 135 8.54 14.67 -5.93
N GLN A 136 8.21 13.47 -5.45
CA GLN A 136 9.25 12.44 -5.24
C GLN A 136 9.04 11.18 -6.09
N ALA A 137 7.84 11.03 -6.60
CA ALA A 137 7.52 10.02 -7.59
C ALA A 137 6.89 10.73 -8.77
N ASN A 138 6.68 10.02 -9.86
CA ASN A 138 6.00 10.60 -11.01
C ASN A 138 4.50 10.54 -10.80
N VAL A 139 3.99 11.51 -10.04
CA VAL A 139 2.61 11.47 -9.61
C VAL A 139 2.03 12.86 -9.74
N GLU A 140 0.77 12.93 -10.11
CA GLU A 140 0.00 14.17 -9.99
C GLU A 140 -1.16 13.86 -9.06
N ILE A 141 -1.37 14.74 -8.09
CA ILE A 141 -2.54 14.65 -7.23
C ILE A 141 -3.67 15.48 -7.82
N LEU A 142 -4.85 14.85 -7.92
CA LEU A 142 -6.03 15.51 -8.42
C LEU A 142 -7.06 15.51 -7.29
N ARG A 143 -7.18 16.63 -6.60
CA ARG A 143 -8.19 16.82 -5.55
C ARG A 143 -9.53 17.13 -6.20
N PHE A 144 -10.60 16.54 -5.67
CA PHE A 144 -11.88 16.71 -6.33
C PHE A 144 -13.03 16.84 -5.36
N SER A 145 -14.07 17.54 -5.79
CA SER A 145 -15.27 17.68 -4.98
C SER A 145 -16.47 16.99 -5.58
N GLY A 146 -16.27 16.40 -6.75
CA GLY A 146 -17.27 15.60 -7.41
C GLY A 146 -16.67 14.86 -8.59
N THR A 147 -17.41 13.90 -9.14
CA THR A 147 -16.92 13.07 -10.21
C THR A 147 -16.76 13.87 -11.50
N GLU A 148 -17.65 14.83 -11.72
CA GLU A 148 -17.53 15.63 -12.93
C GLU A 148 -16.19 16.37 -13.00
N GLU A 149 -15.73 16.86 -11.84
CA GLU A 149 -14.41 17.52 -11.81
C GLU A 149 -13.27 16.59 -12.21
N ILE A 150 -13.35 15.35 -11.76
CA ILE A 150 -12.35 14.36 -12.15
C ILE A 150 -12.37 14.20 -13.67
N VAL A 151 -13.56 14.00 -14.24
CA VAL A 151 -13.71 13.78 -15.67
C VAL A 151 -13.17 14.98 -16.46
N GLU A 152 -13.37 16.19 -15.94
CA GLU A 152 -12.90 17.40 -16.61
C GLU A 152 -11.39 17.58 -16.59
N ARG A 153 -10.75 17.10 -15.52
CA ARG A 153 -9.33 17.39 -15.28
C ARG A 153 -8.40 16.21 -15.59
N LEU A 154 -8.97 15.03 -15.76
CA LEU A 154 -8.15 13.83 -15.83
C LEU A 154 -7.23 13.77 -17.03
N ASP A 155 -7.71 14.21 -18.20
CA ASP A 155 -6.87 14.12 -19.39
C ASP A 155 -5.59 14.92 -19.28
N GLY A 156 -5.68 16.13 -18.71
CA GLY A 156 -4.50 16.95 -18.52
C GLY A 156 -3.50 16.33 -17.57
N ALA A 157 -4.01 15.73 -16.50
CA ALA A 157 -3.14 15.11 -15.50
C ALA A 157 -2.44 13.89 -16.07
N VAL A 158 -3.18 13.06 -16.81
CA VAL A 158 -2.60 11.89 -17.47
C VAL A 158 -1.51 12.29 -18.48
N ALA A 159 -1.81 13.32 -19.27
CA ALA A 159 -0.84 13.80 -20.25
C ALA A 159 0.43 14.30 -19.58
N ARG A 160 0.28 15.00 -18.44
CA ARG A 160 1.46 15.51 -17.77
C ARG A 160 2.34 14.40 -17.20
N VAL A 161 1.76 13.42 -16.54
CA VAL A 161 2.59 12.37 -15.97
C VAL A 161 3.19 11.49 -17.06
N LEU A 162 2.44 11.23 -18.14
CA LEU A 162 3.03 10.49 -19.25
C LEU A 162 4.18 11.27 -19.87
N GLY A 163 4.03 12.59 -19.96
CA GLY A 163 5.10 13.44 -20.47
C GLY A 163 6.36 13.41 -19.63
N ARG A 164 6.21 13.12 -18.34
CA ARG A 164 7.34 13.07 -17.44
C ARG A 164 7.96 11.68 -17.32
N ALA A 165 7.39 10.67 -18.00
CA ALA A 165 7.87 9.30 -17.77
C ALA A 165 9.36 9.24 -18.08
N GLY A 166 10.12 8.71 -17.14
CA GLY A 166 11.56 8.59 -17.36
C GLY A 166 12.40 9.67 -16.67
N GLU A 167 11.81 10.84 -16.41
CA GLU A 167 12.51 11.86 -15.64
C GLU A 167 12.89 11.27 -14.29
N PRO A 168 14.11 11.55 -13.83
CA PRO A 168 14.54 10.89 -12.58
C PRO A 168 13.71 11.33 -11.39
N THR A 169 13.34 10.36 -10.55
CA THR A 169 12.58 10.62 -9.35
C THR A 169 13.24 9.92 -8.19
N VAL A 170 13.01 10.42 -6.99
CA VAL A 170 13.55 9.85 -5.77
C VAL A 170 12.98 8.46 -5.54
N ALA B 12 21.23 -21.23 8.54
CA ALA B 12 20.30 -20.14 8.27
C ALA B 12 21.07 -18.96 7.72
N PRO B 13 20.43 -18.19 6.85
CA PRO B 13 21.10 -17.02 6.30
C PRO B 13 21.41 -15.99 7.39
N ALA B 14 22.51 -15.28 7.22
CA ALA B 14 22.82 -14.17 8.10
C ALA B 14 21.80 -13.05 7.89
N VAL B 15 21.39 -12.41 8.99
CA VAL B 15 20.40 -11.32 8.90
C VAL B 15 21.10 -10.01 9.26
N GLY B 16 21.36 -9.20 8.24
CA GLY B 16 22.09 -7.96 8.46
C GLY B 16 21.24 -6.80 8.94
N SER B 17 20.08 -6.64 8.33
CA SER B 17 19.19 -5.52 8.64
C SER B 17 17.75 -5.87 8.37
N VAL B 18 16.85 -5.26 9.13
CA VAL B 18 15.42 -5.43 8.96
C VAL B 18 14.77 -4.06 8.97
N PHE B 19 13.78 -3.89 8.11
CA PHE B 19 12.91 -2.72 8.20
C PHE B 19 11.64 -3.18 8.90
N LEU B 20 11.31 -2.52 10.00
CA LEU B 20 10.12 -2.88 10.76
C LEU B 20 9.03 -1.82 10.55
N GLY B 21 7.91 -2.23 9.96
CA GLY B 21 6.78 -1.35 9.73
C GLY B 21 5.54 -1.79 10.48
N GLY B 22 4.58 -0.85 10.54
CA GLY B 22 3.28 -1.13 11.11
C GLY B 22 2.51 0.17 11.31
N PRO B 23 1.27 0.06 11.78
CA PRO B 23 0.41 1.22 12.03
C PRO B 23 1.13 2.29 12.86
N PHE B 24 0.96 3.56 12.46
CA PHE B 24 1.62 4.66 13.19
C PHE B 24 0.57 5.70 13.51
N ARG B 25 0.01 6.37 12.49
CA ARG B 25 -1.00 7.39 12.74
C ARG B 25 -2.12 6.93 13.68
N GLN B 26 -2.70 5.77 13.39
CA GLN B 26 -3.81 5.25 14.19
C GLN B 26 -3.44 4.88 15.62
N LEU B 27 -2.14 4.77 15.90
CA LEU B 27 -1.71 4.42 17.25
C LEU B 27 -1.31 5.63 18.08
N VAL B 28 -1.20 6.79 17.44
CA VAL B 28 -0.83 7.99 18.17
C VAL B 28 -2.07 8.47 18.90
N ASP B 29 -1.96 8.57 20.22
CA ASP B 29 -3.10 9.02 21.02
C ASP B 29 -3.26 10.52 20.81
N PRO B 30 -4.44 10.93 20.31
CA PRO B 30 -4.58 12.37 20.04
C PRO B 30 -4.56 13.21 21.32
N ARG B 31 -4.83 12.60 22.48
CA ARG B 31 -4.75 13.35 23.73
C ARG B 31 -3.31 13.77 24.08
N THR B 32 -2.35 12.91 23.78
CA THR B 32 -0.97 13.12 24.22
C THR B 32 0.01 13.42 23.08
N GLY B 33 -0.35 13.03 21.87
CA GLY B 33 0.52 13.21 20.72
C GLY B 33 1.54 12.10 20.54
N VAL B 34 1.45 11.03 21.33
CA VAL B 34 2.39 9.92 21.26
C VAL B 34 1.67 8.57 21.38
N MET B 35 2.27 7.51 20.88
CA MET B 35 1.79 6.16 21.11
C MET B 35 1.75 5.79 22.60
N SER B 36 0.79 4.94 22.98
CA SER B 36 0.70 4.41 24.33
C SER B 36 1.89 3.54 24.67
N SER B 37 2.07 3.32 25.97
CA SER B 37 3.12 2.45 26.50
C SER B 37 3.07 1.07 25.94
N GLY B 38 1.87 0.50 25.94
CA GLY B 38 1.65 -0.83 25.44
C GLY B 38 2.06 -0.90 23.99
N ASP B 39 1.64 0.08 23.19
CA ASP B 39 2.00 0.09 21.78
C ASP B 39 3.49 0.33 21.51
N GLN B 40 4.13 1.26 22.22
CA GLN B 40 5.57 1.47 22.09
C GLN B 40 6.32 0.18 22.43
N ASN B 41 5.83 -0.50 23.46
CA ASN B 41 6.48 -1.72 23.93
C ASN B 41 6.52 -2.83 22.90
N VAL B 42 5.46 -2.96 22.13
CA VAL B 42 5.43 -3.97 21.07
C VAL B 42 6.58 -3.74 20.08
N PHE B 43 6.69 -2.50 19.61
CA PHE B 43 7.75 -2.20 18.67
C PHE B 43 9.12 -2.30 19.30
N SER B 44 9.25 -1.82 20.54
CA SER B 44 10.54 -1.86 21.23
C SER B 44 11.03 -3.27 21.46
N ARG B 45 10.12 -4.19 21.79
CA ARG B 45 10.47 -5.60 21.97
C ARG B 45 11.00 -6.20 20.68
N LEU B 46 10.34 -5.89 19.56
CA LEU B 46 10.81 -6.41 18.27
C LEU B 46 12.13 -5.78 17.84
N ILE B 47 12.31 -4.49 18.10
CA ILE B 47 13.57 -3.82 17.79
C ILE B 47 14.71 -4.48 18.58
N GLU B 48 14.49 -4.66 19.87
CA GLU B 48 15.49 -5.26 20.76
C GLU B 48 15.78 -6.69 20.39
N HIS B 49 14.76 -7.40 19.95
CA HIS B 49 14.92 -8.77 19.49
C HIS B 49 15.98 -8.84 18.41
N PHE B 50 15.85 -8.00 17.39
CA PHE B 50 16.83 -7.99 16.32
C PHE B 50 18.18 -7.40 16.69
N GLU B 51 18.19 -6.24 17.35
CA GLU B 51 19.46 -5.58 17.64
C GLU B 51 20.32 -6.42 18.56
N SER B 52 19.70 -7.13 19.48
CA SER B 52 20.48 -7.96 20.42
C SER B 52 21.15 -9.16 19.73
N ARG B 53 20.68 -9.45 18.50
CA ARG B 53 21.12 -10.59 17.70
C ARG B 53 22.03 -10.16 16.56
N GLY B 54 22.46 -8.89 16.59
CA GLY B 54 23.43 -8.40 15.64
C GLY B 54 22.84 -7.84 14.36
N THR B 55 21.51 -7.67 14.34
CA THR B 55 20.82 -7.15 13.18
C THR B 55 20.43 -5.69 13.35
N THR B 56 20.79 -4.87 12.38
CA THR B 56 20.42 -3.44 12.38
C THR B 56 18.92 -3.33 12.10
N VAL B 57 18.24 -2.44 12.83
CA VAL B 57 16.81 -2.25 12.64
C VAL B 57 16.46 -0.83 12.19
N TYR B 58 15.77 -0.72 11.06
CA TYR B 58 15.15 0.55 10.66
C TYR B 58 13.71 0.55 11.13
N ASN B 59 13.30 1.60 11.83
CA ASN B 59 11.92 1.68 12.30
C ASN B 59 11.47 3.11 12.52
N ALA B 60 10.40 3.51 11.84
CA ALA B 60 9.95 4.90 11.87
C ALA B 60 9.44 5.31 13.22
N HIS B 61 8.80 4.38 13.93
CA HIS B 61 8.16 4.70 15.20
C HIS B 61 9.20 5.22 16.20
N ARG B 62 10.29 4.46 16.35
CA ARG B 62 11.40 4.91 17.20
C ARG B 62 12.06 6.17 16.66
N ARG B 63 12.31 6.20 15.36
CA ARG B 63 12.93 7.34 14.70
C ARG B 63 12.21 8.68 14.96
N GLU B 64 10.89 8.61 14.95
CA GLU B 64 10.03 9.79 15.05
C GLU B 64 9.51 9.97 16.46
N ALA B 65 10.23 9.40 17.43
CA ALA B 65 9.93 9.58 18.84
C ALA B 65 8.47 9.24 19.18
N TRP B 66 7.99 8.14 18.59
CA TRP B 66 6.70 7.57 18.93
C TRP B 66 5.54 8.50 18.61
N GLY B 67 5.84 9.49 17.77
CA GLY B 67 4.82 10.44 17.32
C GLY B 67 5.15 11.87 17.70
N ALA B 68 6.10 12.03 18.62
CA ALA B 68 6.49 13.36 19.09
C ALA B 68 7.34 14.14 18.09
N GLU B 69 7.99 13.42 17.18
CA GLU B 69 8.88 14.08 16.22
C GLU B 69 8.63 13.54 14.82
N PHE B 70 7.40 13.70 14.34
CA PHE B 70 7.03 13.27 12.99
C PHE B 70 7.90 13.98 11.97
N LEU B 71 8.34 13.25 10.94
CA LEU B 71 8.90 13.87 9.74
C LEU B 71 7.77 14.43 8.88
N SER B 72 8.11 15.32 7.94
CA SER B 72 7.13 15.76 6.95
C SER B 72 6.72 14.56 6.06
N PRO B 73 5.55 14.65 5.41
CA PRO B 73 5.16 13.55 4.52
C PRO B 73 6.23 13.23 3.48
N ALA B 74 6.84 14.25 2.89
CA ALA B 74 7.89 14.00 1.90
C ALA B 74 9.12 13.28 2.46
N GLU B 75 9.61 13.74 3.61
CA GLU B 75 10.80 13.15 4.23
C GLU B 75 10.50 11.71 4.67
N ALA B 76 9.33 11.51 5.27
CA ALA B 76 8.95 10.19 5.76
C ALA B 76 8.91 9.23 4.58
N THR B 77 8.28 9.66 3.49
CA THR B 77 8.11 8.82 2.32
C THR B 77 9.45 8.40 1.70
N ARG B 78 10.33 9.38 1.49
CA ARG B 78 11.64 9.11 0.92
C ARG B 78 12.48 8.20 1.82
N LEU B 79 12.55 8.54 3.10
CA LEU B 79 13.38 7.77 4.04
C LEU B 79 12.89 6.34 4.15
N ASP B 80 11.57 6.15 4.26
CA ASP B 80 11.04 4.80 4.36
C ASP B 80 11.32 3.99 3.11
N HIS B 81 11.10 4.58 1.94
CA HIS B 81 11.40 3.83 0.73
C HIS B 81 12.89 3.44 0.66
N ASP B 82 13.75 4.38 1.02
CA ASP B 82 15.20 4.11 0.98
C ASP B 82 15.62 3.05 1.98
N GLU B 83 15.04 3.09 3.17
CA GLU B 83 15.41 2.10 4.18
C GLU B 83 14.87 0.72 3.83
N ILE B 84 13.69 0.66 3.22
CA ILE B 84 13.19 -0.62 2.74
C ILE B 84 14.10 -1.21 1.64
N LYS B 85 14.52 -0.37 0.70
CA LYS B 85 15.45 -0.78 -0.34
C LYS B 85 16.78 -1.27 0.25
N ALA B 86 17.24 -0.63 1.32
CA ALA B 86 18.50 -1.02 1.97
C ALA B 86 18.42 -2.32 2.77
N ALA B 87 17.27 -2.58 3.37
CA ALA B 87 17.18 -3.66 4.35
C ALA B 87 17.16 -5.05 3.75
N ASP B 88 17.68 -6.03 4.47
CA ASP B 88 17.65 -7.39 3.93
C ASP B 88 16.26 -8.01 3.97
N VAL B 89 15.48 -7.67 4.99
CA VAL B 89 14.15 -8.25 5.15
C VAL B 89 13.19 -7.18 5.63
N PHE B 90 11.95 -7.27 5.18
CA PHE B 90 10.89 -6.37 5.56
C PHE B 90 9.93 -7.13 6.47
N VAL B 91 9.72 -6.62 7.68
CA VAL B 91 8.81 -7.20 8.66
C VAL B 91 7.77 -6.15 9.01
N ALA B 92 6.49 -6.47 8.88
CA ALA B 92 5.49 -5.45 9.16
C ALA B 92 4.15 -6.00 9.64
N PHE B 93 3.50 -5.21 10.50
CA PHE B 93 2.09 -5.41 10.84
C PHE B 93 1.23 -4.64 9.84
N PRO B 94 0.38 -5.35 9.05
CA PRO B 94 -0.47 -4.55 8.14
C PRO B 94 -1.49 -3.73 8.92
N GLY B 95 -1.88 -4.21 10.09
CA GLY B 95 -2.79 -3.48 10.96
C GLY B 95 -4.26 -3.84 10.85
N VAL B 96 -4.96 -3.76 11.97
CA VAL B 96 -6.42 -3.86 12.02
C VAL B 96 -6.95 -2.71 12.89
N PRO B 97 -7.57 -1.70 12.26
CA PRO B 97 -7.80 -1.52 10.82
C PRO B 97 -6.50 -1.28 10.05
N ALA B 98 -6.59 -1.44 8.74
CA ALA B 98 -5.42 -1.35 7.87
C ALA B 98 -4.64 -0.04 8.07
N SER B 99 -3.32 -0.14 8.19
CA SER B 99 -2.43 1.01 8.17
C SER B 99 -2.16 1.45 6.75
N PRO B 100 -2.56 2.67 6.40
CA PRO B 100 -2.37 3.11 5.01
C PRO B 100 -0.90 3.10 4.58
N GLY B 101 -0.05 3.73 5.40
CA GLY B 101 1.37 3.75 5.08
C GLY B 101 2.01 2.37 5.01
N THR B 102 1.60 1.47 5.91
CA THR B 102 2.19 0.13 5.87
C THR B 102 1.79 -0.61 4.61
N HIS B 103 0.57 -0.35 4.12
CA HIS B 103 0.17 -0.97 2.89
C HIS B 103 0.96 -0.43 1.67
N VAL B 104 1.24 0.87 1.66
CA VAL B 104 2.14 1.42 0.64
C VAL B 104 3.49 0.70 0.71
N GLU B 105 4.03 0.56 1.91
CA GLU B 105 5.32 -0.11 2.13
C GLU B 105 5.31 -1.59 1.70
N ILE B 106 4.19 -2.27 1.95
CA ILE B 106 4.02 -3.64 1.48
C ILE B 106 4.09 -3.70 -0.05
N GLY B 107 3.47 -2.72 -0.71
CA GLY B 107 3.64 -2.58 -2.15
C GLY B 107 5.08 -2.31 -2.61
N TRP B 108 5.76 -1.37 -1.97
CA TRP B 108 7.18 -1.15 -2.31
C TRP B 108 8.00 -2.42 -2.11
N ALA B 109 7.86 -3.07 -0.94
CA ALA B 109 8.68 -4.27 -0.67
C ALA B 109 8.41 -5.43 -1.64
N SER B 110 7.13 -5.73 -1.85
CA SER B 110 6.78 -6.83 -2.74
C SER B 110 7.18 -6.53 -4.17
N GLY B 111 7.01 -5.26 -4.55
CA GLY B 111 7.33 -4.84 -5.91
C GLY B 111 8.81 -4.95 -6.21
N MET B 112 9.65 -4.84 -5.20
CA MET B 112 11.09 -4.97 -5.42
C MET B 112 11.60 -6.38 -5.08
N GLY B 113 10.69 -7.30 -4.77
CA GLY B 113 11.10 -8.67 -4.50
C GLY B 113 11.77 -8.87 -3.16
N LYS B 114 11.46 -8.02 -2.20
CA LYS B 114 12.11 -8.12 -0.88
C LYS B 114 11.54 -9.31 -0.13
N PRO B 115 12.37 -10.03 0.64
CA PRO B 115 11.84 -11.04 1.56
C PRO B 115 10.99 -10.36 2.61
N MET B 116 9.81 -10.90 2.85
CA MET B 116 8.85 -10.23 3.73
C MET B 116 8.23 -11.19 4.73
N VAL B 117 8.12 -10.73 5.97
CA VAL B 117 7.30 -11.41 6.98
C VAL B 117 6.20 -10.45 7.41
N LEU B 118 4.96 -10.88 7.20
CA LEU B 118 3.81 -10.08 7.57
C LEU B 118 3.20 -10.62 8.84
N LEU B 119 3.03 -9.72 9.82
CA LEU B 119 2.55 -10.09 11.15
C LEU B 119 1.05 -9.81 11.22
N LEU B 120 0.24 -10.87 11.20
CA LEU B 120 -1.23 -10.75 11.11
C LEU B 120 -1.84 -11.22 12.42
N GLU B 121 -2.70 -10.40 12.99
CA GLU B 121 -3.48 -10.82 14.16
C GLU B 121 -4.31 -12.07 13.83
N ARG B 122 -4.26 -13.06 14.71
CA ARG B 122 -5.02 -14.26 14.51
C ARG B 122 -6.52 -13.93 14.55
N ASP B 123 -7.28 -14.52 13.64
CA ASP B 123 -8.74 -14.35 13.61
C ASP B 123 -9.20 -12.94 13.26
N GLU B 124 -8.33 -12.16 12.63
CA GLU B 124 -8.77 -10.90 12.04
C GLU B 124 -8.66 -11.00 10.52
N ASP B 125 -9.49 -10.22 9.82
CA ASP B 125 -9.52 -10.27 8.37
C ASP B 125 -8.56 -9.26 7.76
N TYR B 126 -7.74 -9.72 6.81
CA TYR B 126 -6.80 -8.86 6.09
C TYR B 126 -7.13 -8.79 4.62
N ALA B 127 -6.57 -7.81 3.94
CA ALA B 127 -6.90 -7.60 2.53
C ALA B 127 -6.52 -8.73 1.58
N PHE B 128 -7.34 -8.93 0.54
CA PHE B 128 -6.97 -9.85 -0.55
C PHE B 128 -5.58 -9.62 -1.12
N LEU B 129 -5.20 -8.36 -1.33
CA LEU B 129 -3.91 -8.06 -1.95
C LEU B 129 -2.74 -8.13 -0.96
N VAL B 130 -3.06 -8.44 0.30
CA VAL B 130 -2.02 -8.77 1.28
C VAL B 130 -1.91 -10.29 1.40
N THR B 131 -3.02 -10.97 1.65
CA THR B 131 -2.94 -12.43 1.80
C THR B 131 -2.59 -13.11 0.48
N GLY B 132 -2.94 -12.49 -0.64
CA GLY B 132 -2.59 -13.00 -1.96
C GLY B 132 -1.09 -12.97 -2.22
N LEU B 133 -0.36 -12.16 -1.45
CA LEU B 133 1.09 -12.12 -1.60
C LEU B 133 1.74 -13.39 -1.09
N GLU B 134 1.05 -14.12 -0.20
CA GLU B 134 1.59 -15.34 0.37
C GLU B 134 2.12 -16.32 -0.66
N SER B 135 1.49 -16.36 -1.82
CA SER B 135 1.89 -17.28 -2.87
C SER B 135 2.53 -16.64 -4.11
N GLN B 136 2.41 -15.32 -4.25
CA GLN B 136 2.88 -14.64 -5.46
C GLN B 136 4.16 -13.84 -5.22
N ALA B 137 4.48 -13.61 -3.96
CA ALA B 137 5.69 -12.88 -3.59
C ALA B 137 6.48 -13.73 -2.60
N ASN B 138 7.66 -13.26 -2.21
CA ASN B 138 8.47 -13.96 -1.20
C ASN B 138 8.11 -13.56 0.23
N VAL B 139 7.00 -14.09 0.69
CA VAL B 139 6.41 -13.62 1.93
C VAL B 139 5.99 -14.80 2.75
N GLU B 140 6.16 -14.66 4.05
CA GLU B 140 5.59 -15.60 4.99
C GLU B 140 4.64 -14.83 5.88
N ILE B 141 3.46 -15.40 6.11
CA ILE B 141 2.52 -14.82 7.06
C ILE B 141 2.74 -15.47 8.42
N LEU B 142 2.85 -14.63 9.44
CA LEU B 142 2.98 -15.08 10.83
C LEU B 142 1.75 -14.58 11.56
N ARG B 143 0.77 -15.47 11.79
CA ARG B 143 -0.41 -15.15 12.60
C ARG B 143 -0.05 -15.20 14.10
N PHE B 144 -0.55 -14.25 14.86
CA PHE B 144 -0.16 -14.20 16.27
C PHE B 144 -1.29 -13.82 17.20
N SER B 145 -1.17 -14.27 18.44
CA SER B 145 -2.10 -13.90 19.50
C SER B 145 -1.48 -13.07 20.62
N GLY B 146 -0.19 -12.77 20.53
CA GLY B 146 0.49 -11.96 21.52
C GLY B 146 1.90 -11.68 21.04
N THR B 147 2.59 -10.79 21.74
CA THR B 147 3.90 -10.36 21.32
C THR B 147 4.92 -11.48 21.50
N GLU B 148 4.77 -12.27 22.57
CA GLU B 148 5.73 -13.33 22.82
C GLU B 148 5.76 -14.35 21.69
N GLU B 149 4.59 -14.68 21.15
CA GLU B 149 4.52 -15.59 20.00
C GLU B 149 5.28 -15.04 18.79
N ILE B 150 5.17 -13.74 18.55
CA ILE B 150 5.90 -13.13 17.46
C ILE B 150 7.42 -13.31 17.67
N VAL B 151 7.89 -12.97 18.87
CA VAL B 151 9.31 -13.06 19.18
C VAL B 151 9.83 -14.49 19.05
N GLU B 152 9.01 -15.46 19.44
CA GLU B 152 9.42 -16.85 19.39
C GLU B 152 9.51 -17.39 17.97
N ARG B 153 8.69 -16.86 17.07
CA ARG B 153 8.60 -17.44 15.72
C ARG B 153 9.30 -16.61 14.64
N LEU B 154 9.68 -15.39 14.96
CA LEU B 154 10.16 -14.49 13.91
C LEU B 154 11.47 -14.94 13.25
N ASP B 155 12.40 -15.48 14.01
CA ASP B 155 13.69 -15.86 13.42
C ASP B 155 13.54 -16.96 12.37
N GLY B 156 12.68 -17.94 12.65
CA GLY B 156 12.39 -18.99 11.67
C GLY B 156 11.77 -18.44 10.40
N ALA B 157 10.85 -17.49 10.54
CA ALA B 157 10.16 -16.94 9.38
C ALA B 157 11.13 -16.15 8.52
N VAL B 158 11.95 -15.34 9.20
CA VAL B 158 12.96 -14.55 8.52
C VAL B 158 13.93 -15.45 7.76
N ALA B 159 14.36 -16.54 8.40
CA ALA B 159 15.29 -17.45 7.75
C ALA B 159 14.71 -18.05 6.49
N ARG B 160 13.42 -18.39 6.55
CA ARG B 160 12.81 -19.00 5.39
C ARG B 160 12.68 -18.05 4.21
N VAL B 161 12.23 -16.81 4.45
CA VAL B 161 12.12 -15.88 3.32
C VAL B 161 13.50 -15.42 2.81
N LEU B 162 14.45 -15.22 3.72
CA LEU B 162 15.78 -14.77 3.32
C LEU B 162 16.47 -15.85 2.50
N GLY B 163 16.17 -17.11 2.81
CA GLY B 163 16.69 -18.25 2.06
C GLY B 163 16.24 -18.34 0.61
N ARG B 164 15.23 -17.55 0.26
CA ARG B 164 14.78 -17.45 -1.14
C ARG B 164 15.05 -16.05 -1.71
O3P C5P C . -8.70 -3.56 -0.27
P C5P C . -9.60 -3.20 -1.43
O1P C5P C . -10.59 -4.29 -1.76
O2P C5P C . -10.22 -1.83 -1.17
O5' C5P C . -8.57 -3.01 -2.63
C5' C5P C . -9.05 -2.59 -3.88
C4' C5P C . -7.97 -2.54 -4.92
O4' C5P C . -7.21 -3.79 -4.94
C3' C5P C . -8.50 -2.36 -6.34
O3' C5P C . -7.94 -1.21 -6.98
C2' C5P C . -8.27 -3.67 -7.09
O2' C5P C . -7.40 -3.48 -8.20
C1' C5P C . -7.58 -4.58 -6.05
N1 C5P C . -8.48 -5.66 -5.55
C2 C5P C . -8.79 -6.63 -6.60
N3 C5P C . -9.67 -7.73 -6.32
C4 C5P C . -10.21 -7.88 -5.02
C5 C5P C . -9.91 -6.93 -3.94
C6 C5P C . -9.01 -5.81 -4.25
O2 C5P C . -8.36 -6.61 -7.76
N4 C5P C . -11.08 -8.99 -4.78
O3P C5P D . -0.42 5.32 7.70
P C5P D . 0.42 4.92 8.92
O1P C5P D . 0.87 6.10 9.73
O2P C5P D . -0.27 3.81 9.71
O5' C5P D . 1.71 4.25 8.26
C5' C5P D . 2.77 3.81 9.09
C4' C5P D . 3.90 3.22 8.29
O4' C5P D . 4.38 4.17 7.30
C3' C5P D . 5.13 2.81 9.11
O3' C5P D . 5.48 1.45 8.90
C2' C5P D . 6.23 3.83 8.77
O2' C5P D . 7.37 3.19 8.19
C1' C5P D . 5.57 4.76 7.73
N1 C5P D . 5.26 6.10 8.28
C2 C5P D . 6.46 6.88 8.68
N3 C5P D . 6.34 8.18 9.24
C4 C5P D . 5.07 8.79 9.46
C5 C5P D . 3.86 8.07 9.08
C6 C5P D . 3.99 6.73 8.50
O2 C5P D . 7.60 6.48 8.52
N4 C5P D . 5.00 10.08 10.04
#